data_6HA6
#
_entry.id   6HA6
#
_cell.length_a   87.080
_cell.length_b   87.080
_cell.length_c   149.360
_cell.angle_alpha   90.00
_cell.angle_beta   90.00
_cell.angle_gamma   90.00
#
_symmetry.space_group_name_H-M   'P 41 21 2'
#
loop_
_entity.id
_entity.type
_entity.pdbx_description
1 polymer 'Hypoxia-inducible factor 1-alpha inhibitor'
2 polymer 'Transient receptor potential cation channel subfamily V member 3'
3 non-polymer N-OXALYLGLYCINE
4 non-polymer 'SULFATE ION'
5 non-polymer GLYCEROL
6 non-polymer 'ZINC ION'
7 water water
#
loop_
_entity_poly.entity_id
_entity_poly.type
_entity_poly.pdbx_seq_one_letter_code
_entity_poly.pdbx_strand_id
1 'polypeptide(L)'
;MAATAAEAVASGSGEPREEAGALGPAWDESQLRSYSFPTRPIPRLSQSDPRAEELIENEEPVVLTDTNLVYPALKWDLEY
LQENIGNGDFSVYSASTHKFLYYDEKKMANFQNFKPRSNREEMKFHEFVEKLQDIQQRGGEERLYLQQTLNDTVGRKIVM
DFLGFNWNWINKQQGKRGWGQLTSNLLLIGMEGNVTPAHYDEQQNFFAQIKGYKRCILFPPDQFECLYPYPVHHPCDRQS
QVDFDNPDYERFPNFQNVVGYETVVGPGDVLYIPMYWWHHIESLLNGGITITVNFWYKGAPTPKRIEYPLKAHQKVAIMR
NIEKMLGEALGNPQEVGPLLNTMIKGRYN
;
A
2 'polypeptide(L)' NIAIERRQGDIAALLIAAGADVNAHAK D
#
# COMPACT_ATOMS: atom_id res chain seq x y z
N ALA A 10 -3.55 -12.06 19.29
CA ALA A 10 -2.43 -11.44 19.99
C ALA A 10 -2.61 -9.93 20.03
N SER A 11 -1.69 -9.23 20.69
CA SER A 11 -1.76 -7.78 20.76
C SER A 11 -1.66 -7.17 19.36
N GLY A 12 -2.34 -6.04 19.17
CA GLY A 12 -2.28 -5.33 17.92
C GLY A 12 -0.98 -4.55 17.80
N SER A 13 -1.09 -3.22 17.84
CA SER A 13 0.08 -2.36 17.77
C SER A 13 0.77 -2.20 19.13
N GLY A 14 0.29 -2.89 20.16
CA GLY A 14 0.91 -2.85 21.46
C GLY A 14 0.64 -1.55 22.19
N GLU A 15 1.18 -1.47 23.40
CA GLU A 15 1.08 -0.26 24.21
C GLU A 15 1.74 0.89 23.48
N PRO A 16 1.05 2.01 23.23
CA PRO A 16 1.66 3.11 22.47
C PRO A 16 2.98 3.56 23.07
N ARG A 17 3.91 3.95 22.20
CA ARG A 17 5.22 4.40 22.62
C ARG A 17 5.17 5.80 23.20
N GLU A 18 6.14 6.11 24.05
CA GLU A 18 6.26 7.42 24.66
C GLU A 18 7.22 8.29 23.85
N GLU A 19 6.78 9.50 23.53
CA GLU A 19 7.64 10.43 22.80
C GLU A 19 8.72 10.99 23.71
N ALA A 20 9.90 11.19 23.16
CA ALA A 20 11.03 11.68 23.93
C ALA A 20 10.69 13.03 24.56
N GLY A 21 11.42 13.38 25.61
CA GLY A 21 11.17 14.62 26.33
C GLY A 21 9.87 14.62 27.11
N ALA A 22 9.34 13.44 27.45
CA ALA A 22 8.14 13.33 28.27
C ALA A 22 6.96 14.04 27.64
N LEU A 23 6.85 13.98 26.31
CA LEU A 23 5.80 14.65 25.58
C LEU A 23 4.53 13.82 25.48
N GLY A 24 4.47 12.68 26.17
CA GLY A 24 3.24 11.92 26.28
C GLY A 24 3.14 10.82 25.26
N PRO A 25 2.09 10.02 25.35
CA PRO A 25 1.89 8.95 24.36
C PRO A 25 1.76 9.51 22.95
N ALA A 26 2.38 8.83 22.00
CA ALA A 26 2.28 9.24 20.61
C ALA A 26 0.86 9.12 20.08
N TRP A 27 0.09 8.19 20.63
N TRP A 27 0.10 8.15 20.59
CA TRP A 27 -1.30 8.00 20.24
CA TRP A 27 -1.29 7.93 20.20
C TRP A 27 -1.97 7.19 21.34
C TRP A 27 -1.96 7.15 21.32
N ASP A 28 -3.28 6.97 21.20
CA ASP A 28 -4.03 6.16 22.14
C ASP A 28 -5.00 5.26 21.38
N GLU A 29 -5.53 4.27 22.11
CA GLU A 29 -6.32 3.22 21.49
C GLU A 29 -7.53 3.77 20.73
N SER A 30 -8.06 4.91 21.17
CA SER A 30 -9.31 5.41 20.60
C SER A 30 -9.14 5.96 19.18
N GLN A 31 -7.90 6.16 18.73
CA GLN A 31 -7.65 6.67 17.37
C GLN A 31 -7.58 5.55 16.34
N LEU A 32 -7.76 4.30 16.74
CA LEU A 32 -7.75 3.17 15.81
C LEU A 32 -9.18 2.72 15.53
N ARG A 33 -9.46 2.36 14.28
CA ARG A 33 -10.78 1.85 13.93
C ARG A 33 -10.97 0.42 14.45
N SER A 34 -12.22 0.01 14.66
CA SER A 34 -12.53 -1.33 15.23
C SER A 34 -12.80 -2.28 14.03
N TYR A 35 -12.17 -3.49 13.97
CA TYR A 35 -12.30 -4.54 12.91
C TYR A 35 -12.62 -5.95 13.53
N SER A 36 -13.09 -6.95 12.74
CA SER A 36 -13.57 -8.27 13.25
C SER A 36 -12.47 -9.33 13.33
N PHE A 37 -11.24 -8.99 12.99
CA PHE A 37 -10.23 -10.03 12.97
C PHE A 37 -9.13 -9.75 13.98
N PRO A 38 -8.40 -10.78 14.41
CA PRO A 38 -7.26 -10.57 15.32
C PRO A 38 -5.98 -10.23 14.57
N THR A 39 -5.03 -9.63 15.31
CA THR A 39 -3.74 -9.26 14.75
C THR A 39 -2.64 -9.48 15.78
N ARG A 40 -1.42 -9.66 15.29
CA ARG A 40 -0.22 -9.73 16.11
C ARG A 40 0.73 -8.61 15.68
N PRO A 41 1.70 -8.25 16.52
CA PRO A 41 2.55 -7.11 16.19
C PRO A 41 3.61 -7.43 15.14
N ILE A 42 3.90 -6.43 14.31
CA ILE A 42 5.08 -6.44 13.45
C ILE A 42 6.28 -6.01 14.29
N PRO A 43 7.44 -6.66 14.19
CA PRO A 43 8.56 -6.30 15.06
C PRO A 43 9.15 -4.93 14.70
N ARG A 44 9.52 -4.17 15.73
CA ARG A 44 10.22 -2.89 15.60
C ARG A 44 11.67 -3.11 15.98
N LEU A 45 12.58 -2.90 15.03
CA LEU A 45 13.98 -3.23 15.24
C LEU A 45 14.86 -2.11 14.71
N SER A 46 16.10 -2.10 15.19
CA SER A 46 17.15 -1.27 14.62
C SER A 46 17.67 -1.89 13.33
N GLN A 47 18.05 -1.02 12.39
CA GLN A 47 18.57 -1.50 11.11
C GLN A 47 19.87 -2.27 11.29
N SER A 48 20.60 -2.04 12.37
CA SER A 48 21.80 -2.81 12.65
C SER A 48 21.51 -4.17 13.30
N ASP A 49 20.24 -4.49 13.54
CA ASP A 49 19.89 -5.76 14.17
C ASP A 49 19.90 -6.87 13.13
N PRO A 50 20.70 -7.92 13.28
CA PRO A 50 20.68 -9.00 12.29
C PRO A 50 19.31 -9.65 12.13
N ARG A 51 18.46 -9.61 13.16
CA ARG A 51 17.11 -10.12 13.00
C ARG A 51 16.33 -9.34 11.95
N ALA A 52 16.59 -8.03 11.84
CA ALA A 52 15.91 -7.23 10.82
C ALA A 52 16.36 -7.66 9.42
N GLU A 53 17.67 -7.84 9.23
CA GLU A 53 18.17 -8.33 7.95
C GLU A 53 17.56 -9.69 7.62
N GLU A 54 17.41 -10.56 8.62
CA GLU A 54 16.83 -11.88 8.37
C GLU A 54 15.38 -11.79 7.92
N LEU A 55 14.62 -10.85 8.50
CA LEU A 55 13.22 -10.71 8.12
C LEU A 55 13.08 -10.19 6.69
N ILE A 56 13.84 -9.15 6.34
CA ILE A 56 13.81 -8.65 4.96
C ILE A 56 14.24 -9.74 4.00
N GLU A 57 15.30 -10.47 4.34
CA GLU A 57 15.78 -11.54 3.46
C GLU A 57 14.70 -12.58 3.22
N ASN A 58 13.90 -12.88 4.24
CA ASN A 58 12.83 -13.86 4.14
C ASN A 58 11.51 -13.25 3.70
N GLU A 59 11.54 -12.00 3.24
CA GLU A 59 10.35 -11.32 2.73
C GLU A 59 9.21 -11.37 3.74
N GLU A 60 9.54 -10.98 4.98
CA GLU A 60 8.59 -10.77 6.04
C GLU A 60 8.68 -9.32 6.50
N PRO A 61 7.56 -8.73 6.93
CA PRO A 61 7.58 -7.30 7.27
C PRO A 61 8.34 -7.03 8.56
N VAL A 62 8.87 -5.82 8.65
CA VAL A 62 9.61 -5.34 9.81
C VAL A 62 9.60 -3.82 9.78
N VAL A 63 9.53 -3.21 10.96
CA VAL A 63 9.64 -1.76 11.10
C VAL A 63 11.06 -1.44 11.54
N LEU A 64 11.74 -0.60 10.78
CA LEU A 64 13.09 -0.14 11.10
C LEU A 64 13.00 1.27 11.67
N THR A 65 13.58 1.47 12.86
CA THR A 65 13.37 2.69 13.62
C THR A 65 14.43 3.75 13.38
N ASP A 66 15.58 3.39 12.82
CA ASP A 66 16.74 4.28 12.83
C ASP A 66 17.49 4.24 11.51
N THR A 67 16.76 4.21 10.38
CA THR A 67 17.44 4.18 9.09
C THR A 67 17.92 5.56 8.65
N ASN A 68 17.27 6.62 9.11
CA ASN A 68 17.49 7.98 8.58
C ASN A 68 17.21 8.05 7.09
N LEU A 69 16.36 7.15 6.59
CA LEU A 69 16.10 7.06 5.16
C LEU A 69 15.65 8.40 4.59
N VAL A 70 14.72 9.07 5.27
CA VAL A 70 14.19 10.34 4.77
C VAL A 70 14.40 11.43 5.80
N TYR A 71 15.55 11.41 6.47
CA TYR A 71 15.82 12.36 7.55
C TYR A 71 15.56 13.80 7.13
N PRO A 72 16.03 14.29 5.98
CA PRO A 72 15.80 15.70 5.62
C PRO A 72 14.34 16.04 5.40
N ALA A 73 13.48 15.07 5.13
CA ALA A 73 12.06 15.33 4.92
C ALA A 73 11.27 15.43 6.22
N LEU A 74 11.88 15.13 7.37
CA LEU A 74 11.15 15.18 8.62
C LEU A 74 10.72 16.59 8.99
N LYS A 75 11.35 17.61 8.41
CA LYS A 75 10.92 18.99 8.63
C LYS A 75 9.77 19.39 7.71
N TRP A 76 9.30 18.48 6.85
CA TRP A 76 8.27 18.84 5.89
C TRP A 76 6.94 19.11 6.57
N ASP A 77 6.26 20.15 6.09
CA ASP A 77 4.86 20.39 6.39
C ASP A 77 4.26 21.11 5.18
N LEU A 78 2.97 21.45 5.28
CA LEU A 78 2.30 22.04 4.14
C LEU A 78 2.93 23.37 3.74
N GLU A 79 3.24 24.24 4.72
CA GLU A 79 3.83 25.53 4.40
C GLU A 79 5.15 25.36 3.66
N TYR A 80 6.04 24.51 4.19
CA TYR A 80 7.33 24.26 3.54
C TYR A 80 7.14 23.69 2.14
N LEU A 81 6.29 22.67 2.01
CA LEU A 81 6.12 22.02 0.71
C LEU A 81 5.53 22.99 -0.31
N GLN A 82 4.50 23.74 0.08
CA GLN A 82 3.90 24.70 -0.85
C GLN A 82 4.94 25.69 -1.35
N GLU A 83 5.85 26.13 -0.48
CA GLU A 83 6.85 27.11 -0.85
C GLU A 83 7.89 26.55 -1.81
N ASN A 84 8.15 25.25 -1.75
CA ASN A 84 9.32 24.68 -2.40
C ASN A 84 9.06 23.51 -3.35
N ILE A 85 7.87 22.90 -3.32
CA ILE A 85 7.64 21.69 -4.12
C ILE A 85 7.45 22.02 -5.59
N GLY A 86 7.46 23.31 -5.93
CA GLY A 86 7.37 23.71 -7.31
C GLY A 86 5.93 23.88 -7.77
N ASN A 87 5.78 24.06 -9.08
CA ASN A 87 4.50 24.37 -9.69
C ASN A 87 4.06 23.29 -10.67
N GLY A 88 4.31 22.02 -10.31
CA GLY A 88 3.81 20.92 -11.10
C GLY A 88 2.40 20.52 -10.69
N ASP A 89 1.80 19.65 -11.49
CA ASP A 89 0.49 19.11 -11.17
C ASP A 89 0.63 17.97 -10.17
N PHE A 90 -0.38 17.84 -9.30
CA PHE A 90 -0.42 16.78 -8.31
C PHE A 90 -1.79 16.10 -8.36
N SER A 91 -1.78 14.77 -8.37
CA SER A 91 -3.02 14.00 -8.38
C SER A 91 -3.63 14.00 -6.98
N VAL A 92 -4.87 14.47 -6.87
CA VAL A 92 -5.56 14.56 -5.59
C VAL A 92 -6.89 13.82 -5.73
N TYR A 93 -7.09 12.80 -4.91
CA TYR A 93 -8.33 12.04 -4.91
C TYR A 93 -9.29 12.62 -3.88
N SER A 94 -10.57 12.65 -4.22
CA SER A 94 -11.62 13.18 -3.37
C SER A 94 -12.71 12.13 -3.18
N ALA A 95 -13.19 12.00 -1.95
CA ALA A 95 -14.19 10.99 -1.63
C ALA A 95 -15.13 11.51 -0.57
N SER A 96 -16.37 11.02 -0.61
CA SER A 96 -17.37 11.29 0.42
C SER A 96 -17.36 10.24 1.52
N THR A 97 -16.35 9.38 1.55
CA THR A 97 -16.17 8.37 2.59
C THR A 97 -14.71 8.38 3.01
N HIS A 98 -14.41 7.71 4.12
CA HIS A 98 -13.03 7.60 4.57
C HIS A 98 -12.22 6.61 3.74
N LYS A 99 -12.87 5.74 2.97
CA LYS A 99 -12.19 4.72 2.19
C LYS A 99 -11.88 5.24 0.79
N PHE A 100 -10.59 5.23 0.44
CA PHE A 100 -10.11 5.65 -0.89
C PHE A 100 -9.68 4.39 -1.65
N LEU A 101 -10.63 3.73 -2.28
CA LEU A 101 -10.34 2.51 -3.02
C LEU A 101 -9.68 2.83 -4.36
N TYR A 102 -8.54 2.20 -4.63
CA TYR A 102 -7.81 2.44 -5.86
C TYR A 102 -8.49 1.72 -7.04
N TYR A 103 -8.49 2.39 -8.20
CA TYR A 103 -9.00 1.82 -9.42
C TYR A 103 -8.08 2.18 -10.58
N ASP A 104 -7.91 1.22 -11.50
CA ASP A 104 -7.05 1.40 -12.67
C ASP A 104 -7.91 1.96 -13.80
N GLU A 105 -7.66 3.23 -14.17
CA GLU A 105 -8.52 3.90 -15.12
C GLU A 105 -8.45 3.27 -16.51
N LYS A 106 -7.33 2.61 -16.85
CA LYS A 106 -7.23 1.97 -18.14
C LYS A 106 -8.20 0.79 -18.28
N LYS A 107 -8.50 0.11 -17.17
CA LYS A 107 -9.36 -1.06 -17.21
C LYS A 107 -10.84 -0.72 -17.11
N MET A 108 -11.19 0.55 -16.97
CA MET A 108 -12.60 0.91 -16.81
C MET A 108 -13.41 0.67 -18.07
N ALA A 109 -12.76 0.56 -19.23
CA ALA A 109 -13.49 0.25 -20.45
C ALA A 109 -14.03 -1.18 -20.43
N ASN A 110 -13.27 -2.11 -19.83
CA ASN A 110 -13.75 -3.48 -19.72
C ASN A 110 -15.06 -3.56 -18.93
N PHE A 111 -15.17 -2.78 -17.87
CA PHE A 111 -16.31 -2.80 -16.96
C PHE A 111 -17.00 -1.44 -17.04
N GLN A 112 -18.09 -1.37 -17.79
CA GLN A 112 -18.83 -0.11 -17.93
C GLN A 112 -19.71 0.19 -16.73
N ASN A 113 -20.08 -0.83 -15.96
CA ASN A 113 -20.98 -0.66 -14.82
C ASN A 113 -20.26 -0.28 -13.54
N PHE A 114 -18.97 0.06 -13.61
CA PHE A 114 -18.18 0.44 -12.44
C PHE A 114 -18.18 1.96 -12.30
N LYS A 115 -18.63 2.44 -11.15
CA LYS A 115 -18.62 3.88 -10.85
C LYS A 115 -17.77 4.12 -9.61
N PRO A 116 -16.57 4.67 -9.73
CA PRO A 116 -15.70 4.81 -8.55
C PRO A 116 -16.29 5.79 -7.54
N ARG A 117 -15.99 5.54 -6.26
CA ARG A 117 -16.45 6.43 -5.20
C ARG A 117 -15.56 7.66 -5.07
N SER A 118 -14.27 7.50 -5.28
CA SER A 118 -13.33 8.62 -5.24
C SER A 118 -13.08 9.15 -6.64
N ASN A 119 -12.64 10.40 -6.70
CA ASN A 119 -12.47 11.11 -7.97
C ASN A 119 -11.09 11.76 -8.00
N ARG A 120 -10.41 11.65 -9.13
CA ARG A 120 -9.10 12.24 -9.27
C ARG A 120 -9.17 13.57 -10.00
N GLU A 121 -8.63 14.61 -9.38
CA GLU A 121 -8.56 15.98 -9.97
C GLU A 121 -7.06 16.47 -9.96
N GLU A 122 -6.44 16.86 -11.10
CA GLU A 122 -5.04 17.38 -11.11
C GLU A 122 -5.13 18.82 -10.61
N MET A 123 -4.19 19.23 -9.78
CA MET A 123 -4.18 20.60 -9.28
C MET A 123 -2.78 20.95 -8.80
N LYS A 124 -2.55 22.25 -8.63
CA LYS A 124 -1.30 22.74 -8.08
C LYS A 124 -1.31 22.57 -6.56
N PHE A 125 -0.12 22.43 -5.99
CA PHE A 125 -0.03 22.14 -4.56
C PHE A 125 -0.73 23.21 -3.74
N HIS A 126 -0.63 24.49 -4.15
CA HIS A 126 -1.28 25.56 -3.40
C HIS A 126 -2.79 25.43 -3.47
N GLU A 127 -3.33 24.98 -4.61
CA GLU A 127 -4.76 24.72 -4.69
C GLU A 127 -5.17 23.57 -3.78
N PHE A 128 -4.27 22.59 -3.57
CA PHE A 128 -4.56 21.49 -2.66
C PHE A 128 -4.62 21.98 -1.22
N VAL A 129 -3.66 22.82 -0.82
CA VAL A 129 -3.68 23.37 0.53
C VAL A 129 -4.94 24.18 0.77
N GLU A 130 -5.32 24.97 -0.23
CA GLU A 130 -6.50 25.80 -0.11
C GLU A 130 -7.75 24.96 0.10
N LYS A 131 -7.86 23.87 -0.64
CA LYS A 131 -9.04 23.03 -0.51
C LYS A 131 -9.17 22.47 0.87
N LEU A 132 -8.06 22.02 1.44
CA LEU A 132 -8.07 21.47 2.79
C LEU A 132 -8.46 22.56 3.76
N GLN A 133 -7.89 23.74 3.56
CA GLN A 133 -8.15 24.88 4.41
C GLN A 133 -9.62 25.24 4.31
N ASP A 134 -10.14 25.26 3.08
CA ASP A 134 -11.53 25.58 2.89
C ASP A 134 -12.44 24.56 3.55
N ILE A 135 -12.13 23.28 3.39
CA ILE A 135 -12.97 22.26 3.96
C ILE A 135 -12.99 22.34 5.47
N GLN A 136 -11.82 22.55 6.06
CA GLN A 136 -11.73 22.64 7.51
C GLN A 136 -12.51 23.81 8.04
N GLN A 137 -12.40 24.94 7.34
CA GLN A 137 -13.07 26.17 7.76
C GLN A 137 -14.57 26.03 7.78
N ARG A 138 -15.11 25.37 6.78
CA ARG A 138 -16.55 25.22 6.68
C ARG A 138 -17.10 23.95 7.33
N GLY A 139 -16.24 23.18 7.97
CA GLY A 139 -16.69 21.94 8.59
C GLY A 139 -17.31 20.90 7.62
N GLY A 140 -16.82 20.85 6.38
CA GLY A 140 -17.34 19.94 5.36
C GLY A 140 -16.94 18.47 5.65
N GLU A 141 -17.68 17.45 5.14
CA GLU A 141 -17.39 16.00 5.37
C GLU A 141 -16.53 15.47 4.20
N GLU A 142 -16.18 16.33 3.25
CA GLU A 142 -15.37 15.86 2.13
C GLU A 142 -13.97 15.49 2.61
N ARG A 143 -13.36 14.55 1.90
CA ARG A 143 -12.02 14.08 2.22
C ARG A 143 -11.14 14.12 0.99
N LEU A 144 -9.86 14.40 1.20
CA LEU A 144 -8.87 14.49 0.14
C LEU A 144 -7.66 13.62 0.48
N TYR A 145 -7.03 13.10 -0.56
CA TYR A 145 -5.81 12.30 -0.41
C TYR A 145 -4.91 12.59 -1.60
N LEU A 146 -3.79 13.27 -1.36
CA LEU A 146 -2.82 13.57 -2.40
C LEU A 146 -1.88 12.38 -2.56
N GLN A 147 -1.77 11.87 -3.78
CA GLN A 147 -0.89 10.76 -4.10
C GLN A 147 -0.21 11.08 -5.43
N GLN A 148 1.03 11.52 -5.37
CA GLN A 148 1.77 11.95 -6.56
C GLN A 148 3.19 11.44 -6.49
N THR A 149 3.67 10.88 -7.60
CA THR A 149 5.05 10.43 -7.67
C THR A 149 5.98 11.62 -7.85
N LEU A 150 7.08 11.63 -7.11
CA LEU A 150 8.06 12.71 -7.22
C LEU A 150 8.75 12.66 -8.58
N ASN A 151 8.93 13.82 -9.16
CA ASN A 151 9.54 13.92 -10.49
C ASN A 151 10.54 15.11 -10.66
N ASP A 152 11.22 15.24 -11.82
CA ASP A 152 12.19 16.39 -12.00
C ASP A 152 11.56 17.85 -11.79
N THR A 153 10.25 18.05 -12.00
CA THR A 153 9.63 19.41 -11.76
C THR A 153 9.70 20.01 -10.28
N VAL A 154 9.99 19.23 -9.24
CA VAL A 154 10.03 19.78 -7.82
C VAL A 154 11.09 20.88 -7.66
N GLY A 155 10.86 21.79 -6.72
CA GLY A 155 11.72 22.94 -6.54
C GLY A 155 13.07 22.56 -5.96
N ARG A 156 13.95 23.56 -5.90
CA ARG A 156 15.35 23.32 -5.55
C ARG A 156 15.49 22.80 -4.13
N LYS A 157 14.66 23.31 -3.20
CA LYS A 157 14.74 22.86 -1.82
C LYS A 157 14.39 21.38 -1.71
N ILE A 158 13.35 20.94 -2.43
CA ILE A 158 12.94 19.54 -2.35
C ILE A 158 14.00 18.64 -2.98
N VAL A 159 14.63 19.11 -4.05
CA VAL A 159 15.73 18.35 -4.65
C VAL A 159 16.81 18.10 -3.60
N MET A 160 17.27 19.17 -2.94
CA MET A 160 18.29 19.03 -1.91
C MET A 160 17.86 18.04 -0.83
N ASP A 161 16.59 18.12 -0.41
CA ASP A 161 16.08 17.15 0.56
C ASP A 161 16.17 15.73 0.02
N PHE A 162 15.64 15.52 -1.19
CA PHE A 162 15.68 14.22 -1.82
C PHE A 162 17.12 13.71 -1.94
N LEU A 163 18.06 14.59 -2.32
CA LEU A 163 19.46 14.20 -2.40
C LEU A 163 19.99 13.75 -1.05
N GLY A 164 19.46 14.30 0.04
CA GLY A 164 19.90 13.95 1.37
C GLY A 164 19.33 12.68 1.94
N PHE A 165 18.48 11.95 1.21
CA PHE A 165 17.99 10.67 1.72
C PHE A 165 19.16 9.70 1.87
N ASN A 166 18.93 8.63 2.66
CA ASN A 166 19.99 7.67 2.93
C ASN A 166 20.07 6.64 1.81
N TRP A 167 20.56 7.12 0.65
CA TRP A 167 20.75 6.25 -0.49
C TRP A 167 21.80 5.18 -0.21
N ASN A 168 22.79 5.48 0.63
CA ASN A 168 23.79 4.48 0.97
C ASN A 168 23.14 3.23 1.53
N TRP A 169 22.22 3.40 2.48
CA TRP A 169 21.59 2.26 3.15
C TRP A 169 20.66 1.50 2.20
N ILE A 170 19.78 2.22 1.49
CA ILE A 170 18.76 1.54 0.71
C ILE A 170 19.36 0.93 -0.56
N ASN A 171 20.39 1.55 -1.14
CA ASN A 171 21.07 0.94 -2.27
C ASN A 171 21.72 -0.37 -1.86
N LYS A 172 22.25 -0.44 -0.64
CA LYS A 172 22.80 -1.71 -0.15
C LYS A 172 21.72 -2.76 0.00
N GLN A 173 20.55 -2.38 0.51
CA GLN A 173 19.43 -3.31 0.57
C GLN A 173 19.08 -3.84 -0.80
N GLN A 174 18.89 -2.94 -1.77
CA GLN A 174 18.58 -3.32 -3.13
C GLN A 174 19.56 -4.38 -3.64
N GLY A 175 20.86 -4.14 -3.45
CA GLY A 175 21.85 -5.09 -3.94
C GLY A 175 21.82 -6.40 -3.19
N LYS A 176 21.75 -6.33 -1.86
CA LYS A 176 21.71 -7.55 -1.05
C LYS A 176 20.54 -8.44 -1.43
N ARG A 177 19.39 -7.84 -1.73
CA ARG A 177 18.19 -8.60 -2.03
C ARG A 177 18.06 -8.96 -3.52
N GLY A 178 18.96 -8.47 -4.37
CA GLY A 178 18.86 -8.74 -5.79
C GLY A 178 17.68 -8.10 -6.46
N TRP A 179 17.08 -7.07 -5.86
CA TRP A 179 15.93 -6.41 -6.44
C TRP A 179 16.29 -5.69 -7.74
N GLY A 180 15.26 -5.39 -8.52
CA GLY A 180 15.40 -4.52 -9.66
C GLY A 180 15.61 -3.08 -9.21
N GLN A 181 15.47 -2.17 -10.17
N GLN A 181 15.47 -2.17 -10.17
CA GLN A 181 15.74 -0.77 -9.92
CA GLN A 181 15.75 -0.78 -9.90
C GLN A 181 14.55 -0.09 -9.25
C GLN A 181 14.56 -0.08 -9.26
N LEU A 182 14.84 1.06 -8.63
CA LEU A 182 13.79 1.88 -8.05
C LEU A 182 12.85 2.37 -9.14
N THR A 183 11.57 2.09 -9.01
CA THR A 183 10.62 2.49 -10.06
C THR A 183 10.00 3.85 -9.77
N SER A 184 9.78 4.20 -8.51
CA SER A 184 9.16 5.49 -8.21
C SER A 184 9.17 5.73 -6.70
N ASN A 185 8.97 7.00 -6.34
CA ASN A 185 8.65 7.40 -4.97
C ASN A 185 7.30 8.08 -4.98
N LEU A 186 6.36 7.55 -4.22
CA LEU A 186 5.01 8.10 -4.15
C LEU A 186 4.92 9.01 -2.92
N LEU A 187 4.59 10.27 -3.13
CA LEU A 187 4.31 11.20 -2.03
C LEU A 187 2.84 11.06 -1.65
N LEU A 188 2.59 10.74 -0.38
CA LEU A 188 1.24 10.50 0.13
C LEU A 188 0.95 11.51 1.23
N ILE A 189 -0.02 12.38 1.00
CA ILE A 189 -0.47 13.36 2.00
C ILE A 189 -1.96 13.17 2.19
N GLY A 190 -2.36 12.76 3.40
CA GLY A 190 -3.74 12.43 3.66
C GLY A 190 -4.27 13.14 4.89
N MET A 191 -5.59 13.14 5.00
CA MET A 191 -6.28 13.71 6.15
C MET A 191 -6.47 12.66 7.23
N GLU A 192 -6.59 13.12 8.46
CA GLU A 192 -6.88 12.23 9.58
C GLU A 192 -8.09 11.35 9.26
N GLY A 193 -7.93 10.05 9.51
CA GLY A 193 -9.02 9.11 9.31
C GLY A 193 -9.09 8.49 7.92
N ASN A 194 -8.33 8.99 6.95
CA ASN A 194 -8.32 8.41 5.61
C ASN A 194 -7.87 6.96 5.68
N VAL A 195 -8.45 6.13 4.81
CA VAL A 195 -8.13 4.70 4.75
C VAL A 195 -7.85 4.33 3.31
N THR A 196 -6.75 3.61 3.08
CA THR A 196 -6.50 2.94 1.82
C THR A 196 -6.85 1.47 2.02
N PRO A 197 -7.92 0.95 1.41
CA PRO A 197 -8.36 -0.41 1.72
C PRO A 197 -7.34 -1.46 1.31
N ALA A 198 -7.55 -2.67 1.85
CA ALA A 198 -6.59 -3.76 1.69
C ALA A 198 -6.34 -4.09 0.23
N HIS A 199 -5.07 -4.27 -0.11
CA HIS A 199 -4.62 -4.58 -1.46
C HIS A 199 -3.18 -5.08 -1.37
N TYR A 200 -2.71 -5.69 -2.45
CA TYR A 200 -1.31 -6.04 -2.58
C TYR A 200 -0.72 -5.34 -3.81
N ASP A 201 0.58 -5.10 -3.75
CA ASP A 201 1.33 -4.52 -4.86
C ASP A 201 2.35 -5.53 -5.36
N GLU A 202 2.66 -5.46 -6.66
CA GLU A 202 3.64 -6.34 -7.29
C GLU A 202 5.06 -5.78 -7.24
N GLN A 203 5.39 -4.96 -6.25
CA GLN A 203 6.75 -4.47 -6.08
C GLN A 203 7.11 -4.50 -4.60
N GLN A 204 8.42 -4.44 -4.35
CA GLN A 204 8.92 -4.34 -2.99
C GLN A 204 8.83 -2.89 -2.53
N ASN A 205 8.51 -2.68 -1.26
CA ASN A 205 8.17 -1.35 -0.78
C ASN A 205 8.85 -1.06 0.54
N PHE A 206 9.64 0.01 0.59
CA PHE A 206 10.07 0.63 1.84
C PHE A 206 9.21 1.88 2.05
N PHE A 207 8.43 1.86 3.13
CA PHE A 207 7.35 2.80 3.40
C PHE A 207 7.83 3.75 4.50
N ALA A 208 8.18 4.98 4.12
CA ALA A 208 8.91 5.91 5.00
C ALA A 208 7.96 6.98 5.52
N GLN A 209 7.66 6.90 6.83
CA GLN A 209 6.73 7.82 7.46
C GLN A 209 7.43 9.11 7.86
N ILE A 210 6.78 10.25 7.60
CA ILE A 210 7.38 11.57 7.77
C ILE A 210 6.62 12.41 8.78
N LYS A 211 5.30 12.51 8.64
CA LYS A 211 4.49 13.31 9.54
C LYS A 211 3.25 12.54 9.96
N GLY A 212 2.92 12.62 11.24
CA GLY A 212 1.75 11.94 11.74
C GLY A 212 1.97 10.44 11.82
N TYR A 213 0.90 9.73 12.17
CA TYR A 213 0.95 8.31 12.45
C TYR A 213 -0.04 7.55 11.57
N LYS A 214 0.40 6.39 11.09
CA LYS A 214 -0.44 5.51 10.29
C LYS A 214 -0.43 4.11 10.89
N ARG A 215 -1.59 3.49 10.90
CA ARG A 215 -1.73 2.14 11.37
C ARG A 215 -1.69 1.31 10.11
N CYS A 216 -0.78 0.36 10.07
CA CYS A 216 -0.59 -0.52 8.88
C CYS A 216 -0.96 -1.99 9.27
N ILE A 217 -1.96 -2.62 8.61
CA ILE A 217 -2.40 -4.04 8.85
C ILE A 217 -1.99 -4.84 7.63
N LEU A 218 -1.10 -5.79 7.83
CA LEU A 218 -0.60 -6.61 6.74
C LEU A 218 -1.12 -8.04 6.85
N PHE A 219 -1.33 -8.68 5.70
CA PHE A 219 -1.72 -10.09 5.64
C PHE A 219 -0.79 -10.82 4.69
N PRO A 220 -0.27 -11.98 5.05
CA PRO A 220 0.68 -12.69 4.17
C PRO A 220 0.00 -13.14 2.89
N PRO A 221 0.78 -13.42 1.84
CA PRO A 221 0.17 -13.87 0.57
C PRO A 221 -0.64 -15.15 0.70
N ASP A 222 -0.35 -16.01 1.67
CA ASP A 222 -1.13 -17.24 1.79
C ASP A 222 -2.54 -17.01 2.31
N GLN A 223 -2.94 -15.77 2.61
N GLN A 223 -2.90 -15.76 2.60
CA GLN A 223 -4.32 -15.49 2.97
CA GLN A 223 -4.27 -15.39 2.98
C GLN A 223 -5.11 -14.97 1.77
C GLN A 223 -5.13 -15.03 1.77
N PHE A 224 -4.63 -15.23 0.55
CA PHE A 224 -5.38 -14.93 -0.66
C PHE A 224 -6.81 -15.44 -0.58
N GLU A 225 -6.99 -16.64 -0.05
CA GLU A 225 -8.30 -17.27 -0.10
C GLU A 225 -9.27 -16.65 0.91
N CYS A 226 -8.79 -15.84 1.85
CA CYS A 226 -9.64 -15.15 2.81
C CYS A 226 -9.96 -13.72 2.40
N LEU A 227 -9.32 -13.18 1.36
CA LEU A 227 -9.40 -11.74 1.07
C LEU A 227 -10.01 -11.41 -0.29
N TYR A 228 -10.29 -12.38 -1.14
CA TYR A 228 -11.19 -12.23 -2.28
C TYR A 228 -10.89 -11.00 -3.15
N PRO A 229 -9.72 -10.95 -3.81
CA PRO A 229 -9.44 -9.84 -4.72
C PRO A 229 -10.43 -9.81 -5.88
N TYR A 230 -10.54 -8.64 -6.48
CA TYR A 230 -11.42 -8.46 -7.65
C TYR A 230 -10.77 -9.28 -8.82
N PRO A 231 -11.53 -9.47 -9.89
CA PRO A 231 -10.99 -10.17 -11.07
C PRO A 231 -9.76 -9.38 -11.66
N VAL A 232 -8.75 -10.03 -12.26
CA VAL A 232 -7.54 -9.28 -12.72
C VAL A 232 -7.92 -8.13 -13.74
N HIS A 233 -8.81 -8.40 -14.72
CA HIS A 233 -9.32 -7.32 -15.69
C HIS A 233 -10.23 -6.18 -15.03
N HIS A 234 -10.85 -6.40 -13.86
CA HIS A 234 -11.64 -5.32 -13.15
C HIS A 234 -10.70 -4.16 -12.74
N PRO A 235 -11.20 -2.93 -12.76
CA PRO A 235 -10.40 -1.76 -12.37
C PRO A 235 -9.75 -1.87 -10.99
N CYS A 236 -10.39 -2.57 -10.06
CA CYS A 236 -9.88 -2.75 -8.70
C CYS A 236 -9.09 -4.04 -8.54
N ASP A 237 -8.52 -4.55 -9.64
CA ASP A 237 -7.50 -5.59 -9.59
C ASP A 237 -6.54 -5.35 -8.43
N ARG A 238 -6.26 -6.41 -7.67
CA ARG A 238 -5.33 -6.46 -6.56
C ARG A 238 -5.92 -5.91 -5.26
N GLN A 239 -7.12 -5.34 -5.28
CA GLN A 239 -7.78 -4.88 -4.07
C GLN A 239 -8.77 -5.92 -3.58
N SER A 240 -8.90 -6.03 -2.25
CA SER A 240 -9.87 -6.94 -1.66
C SER A 240 -11.30 -6.47 -1.91
N GLN A 241 -12.19 -7.41 -2.24
CA GLN A 241 -13.61 -7.09 -2.38
C GLN A 241 -14.31 -6.92 -1.02
N VAL A 242 -13.67 -7.31 0.07
CA VAL A 242 -14.34 -7.32 1.37
C VAL A 242 -14.38 -5.91 1.94
N ASP A 243 -15.56 -5.50 2.41
CA ASP A 243 -15.70 -4.25 3.15
C ASP A 243 -15.35 -4.51 4.61
N PHE A 244 -14.17 -4.06 5.04
CA PHE A 244 -13.71 -4.34 6.39
C PHE A 244 -14.66 -3.79 7.44
N ASP A 245 -15.38 -2.71 7.13
CA ASP A 245 -16.31 -2.14 8.09
C ASP A 245 -17.63 -2.90 8.17
N ASN A 246 -17.95 -3.70 7.16
CA ASN A 246 -19.20 -4.46 7.13
C ASN A 246 -19.01 -5.70 6.27
N PRO A 247 -18.31 -6.70 6.77
CA PRO A 247 -17.96 -7.87 5.94
C PRO A 247 -19.18 -8.72 5.63
N ASP A 248 -19.35 -9.06 4.35
CA ASP A 248 -20.43 -9.94 3.91
C ASP A 248 -19.92 -11.38 4.00
N TYR A 249 -20.22 -12.04 5.12
CA TYR A 249 -19.73 -13.40 5.34
C TYR A 249 -20.42 -14.42 4.45
N GLU A 250 -21.58 -14.08 3.88
CA GLU A 250 -22.22 -14.98 2.92
C GLU A 250 -21.42 -15.06 1.63
N ARG A 251 -20.97 -13.92 1.12
CA ARG A 251 -20.16 -13.91 -0.10
C ARG A 251 -18.71 -14.26 0.18
N PHE A 252 -18.20 -13.91 1.36
CA PHE A 252 -16.77 -14.01 1.67
C PHE A 252 -16.57 -14.79 2.96
N PRO A 253 -16.97 -16.07 2.96
CA PRO A 253 -16.97 -16.83 4.23
C PRO A 253 -15.60 -16.95 4.87
N ASN A 254 -14.54 -17.10 4.09
CA ASN A 254 -13.22 -17.31 4.67
C ASN A 254 -12.62 -16.03 5.23
N PHE A 255 -13.28 -14.89 5.07
CA PHE A 255 -12.83 -13.71 5.81
C PHE A 255 -13.00 -13.90 7.32
N GLN A 256 -13.77 -14.89 7.76
CA GLN A 256 -13.86 -15.21 9.18
C GLN A 256 -12.59 -15.87 9.72
N ASN A 257 -11.65 -16.23 8.85
CA ASN A 257 -10.41 -16.89 9.26
C ASN A 257 -9.18 -16.01 9.07
N VAL A 258 -9.36 -14.76 8.67
CA VAL A 258 -8.21 -13.92 8.36
C VAL A 258 -7.52 -13.50 9.65
N VAL A 259 -6.19 -13.39 9.58
CA VAL A 259 -5.37 -12.95 10.70
C VAL A 259 -4.25 -12.07 10.15
N GLY A 260 -4.07 -10.88 10.74
CA GLY A 260 -3.14 -9.91 10.24
C GLY A 260 -1.95 -9.66 11.17
N TYR A 261 -1.01 -8.88 10.65
CA TYR A 261 0.10 -8.31 11.41
C TYR A 261 -0.05 -6.79 11.36
N GLU A 262 0.07 -6.11 12.50
CA GLU A 262 -0.12 -4.66 12.46
C GLU A 262 0.94 -3.92 13.27
N THR A 263 1.01 -2.63 12.99
CA THR A 263 1.92 -1.72 13.66
C THR A 263 1.40 -0.31 13.44
N VAL A 264 1.91 0.62 14.24
CA VAL A 264 1.69 2.04 14.02
C VAL A 264 3.05 2.67 13.78
N VAL A 265 3.24 3.25 12.59
CA VAL A 265 4.49 3.92 12.23
C VAL A 265 4.32 5.41 12.43
N GLY A 266 5.37 6.05 12.94
CA GLY A 266 5.41 7.49 13.10
C GLY A 266 6.62 8.09 12.40
N PRO A 267 6.81 9.40 12.58
CA PRO A 267 7.94 10.07 11.91
C PRO A 267 9.26 9.37 12.17
N GLY A 268 9.98 9.08 11.09
CA GLY A 268 11.27 8.44 11.17
C GLY A 268 11.24 6.93 11.02
N ASP A 269 10.08 6.31 11.12
CA ASP A 269 9.98 4.86 10.96
C ASP A 269 9.93 4.50 9.48
N VAL A 270 10.38 3.28 9.18
CA VAL A 270 10.33 2.72 7.83
C VAL A 270 9.77 1.31 7.94
N LEU A 271 8.69 1.05 7.22
CA LEU A 271 8.04 -0.26 7.23
C LEU A 271 8.37 -0.97 5.91
N TYR A 272 8.95 -2.16 6.00
CA TYR A 272 9.15 -3.01 4.84
C TYR A 272 7.85 -3.75 4.56
N ILE A 273 7.20 -3.41 3.44
CA ILE A 273 6.03 -4.14 2.97
C ILE A 273 6.48 -5.08 1.85
N PRO A 274 6.65 -6.37 2.10
CA PRO A 274 7.14 -7.26 1.06
C PRO A 274 6.14 -7.41 -0.07
N MET A 275 6.69 -7.57 -1.28
CA MET A 275 5.88 -7.81 -2.47
C MET A 275 4.84 -8.89 -2.21
N TYR A 276 3.67 -8.66 -2.78
CA TYR A 276 2.51 -9.56 -2.69
C TYR A 276 1.79 -9.61 -1.27
N TRP A 277 2.24 -8.86 -0.24
CA TRP A 277 1.69 -8.95 1.14
C TRP A 277 0.47 -7.96 1.10
N TRP A 278 -0.72 -8.33 1.58
CA TRP A 278 -1.86 -7.40 1.62
C TRP A 278 -1.53 -6.36 2.66
N HIS A 279 -1.89 -5.14 2.40
CA HIS A 279 -1.78 -4.11 3.42
C HIS A 279 -2.97 -3.16 3.37
N HIS A 280 -3.47 -2.85 4.57
CA HIS A 280 -4.50 -1.87 4.83
C HIS A 280 -3.88 -0.76 5.66
N ILE A 281 -4.03 0.49 5.23
CA ILE A 281 -3.31 1.62 5.83
C ILE A 281 -4.33 2.70 6.17
N GLU A 282 -4.30 3.17 7.42
CA GLU A 282 -5.23 4.19 7.88
C GLU A 282 -4.50 5.27 8.67
N SER A 283 -4.80 6.52 8.36
CA SER A 283 -4.29 7.66 9.13
C SER A 283 -5.11 7.78 10.41
N LEU A 284 -4.43 7.86 11.55
CA LEU A 284 -5.11 7.78 12.83
C LEU A 284 -6.18 8.86 12.94
N LEU A 285 -7.33 8.47 13.49
CA LEU A 285 -8.40 9.42 13.75
C LEU A 285 -7.90 10.56 14.62
N ASN A 286 -8.28 11.79 14.26
CA ASN A 286 -7.94 12.97 15.05
C ASN A 286 -6.43 13.11 15.25
N GLY A 287 -5.65 12.58 14.31
CA GLY A 287 -4.20 12.67 14.37
C GLY A 287 -3.58 13.74 13.53
N GLY A 288 -4.39 14.55 12.82
CA GLY A 288 -3.85 15.53 11.90
C GLY A 288 -3.50 14.91 10.57
N ILE A 289 -2.87 15.72 9.71
CA ILE A 289 -2.49 15.24 8.39
C ILE A 289 -1.32 14.27 8.54
N THR A 290 -1.21 13.36 7.57
CA THR A 290 -0.10 12.42 7.51
C THR A 290 0.67 12.63 6.21
N ILE A 291 1.98 12.41 6.28
CA ILE A 291 2.86 12.50 5.13
C ILE A 291 3.72 11.25 5.08
N THR A 292 3.74 10.58 3.94
CA THR A 292 4.55 9.40 3.72
C THR A 292 5.21 9.51 2.35
N VAL A 293 6.42 9.01 2.27
CA VAL A 293 7.05 8.83 0.98
C VAL A 293 7.42 7.32 0.90
N ASN A 294 7.04 6.63 -0.18
CA ASN A 294 7.36 5.21 -0.34
C ASN A 294 8.42 4.99 -1.41
N PHE A 295 9.09 3.86 -1.36
CA PHE A 295 10.11 3.52 -2.34
C PHE A 295 9.73 2.18 -2.92
N TRP A 296 9.53 2.10 -4.22
CA TRP A 296 9.14 0.86 -4.89
C TRP A 296 10.23 0.27 -5.76
N TYR A 297 10.56 -1.00 -5.55
CA TYR A 297 11.60 -1.70 -6.33
C TYR A 297 11.01 -2.96 -6.97
N LYS A 298 11.27 -3.11 -8.24
CA LYS A 298 10.95 -4.37 -8.91
C LYS A 298 11.57 -5.52 -8.12
N GLY A 299 10.81 -6.60 -7.98
CA GLY A 299 11.30 -7.77 -7.29
C GLY A 299 12.44 -8.44 -8.04
N ALA A 300 13.14 -9.31 -7.33
CA ALA A 300 14.24 -10.04 -7.93
C ALA A 300 13.71 -10.97 -9.04
N PRO A 301 14.55 -11.35 -9.98
CA PRO A 301 14.08 -12.23 -11.07
C PRO A 301 13.68 -13.61 -10.56
N THR A 302 12.77 -14.23 -11.29
CA THR A 302 12.38 -15.60 -10.95
C THR A 302 13.58 -16.51 -11.16
N PRO A 303 13.90 -17.39 -10.20
CA PRO A 303 15.08 -18.23 -10.36
C PRO A 303 14.93 -19.19 -11.54
N LYS A 304 16.03 -19.43 -12.24
CA LYS A 304 15.96 -20.33 -13.42
C LYS A 304 15.49 -21.80 -13.01
N ARG A 305 16.03 -22.35 -11.90
CA ARG A 305 15.62 -23.71 -11.40
C ARG A 305 14.39 -23.46 -10.49
N ILE A 306 13.14 -23.62 -10.97
CA ILE A 306 11.96 -23.39 -10.08
C ILE A 306 12.08 -24.48 -8.98
N GLU A 307 11.87 -24.17 -7.68
CA GLU A 307 12.00 -25.12 -6.54
C GLU A 307 10.64 -25.42 -5.94
N TYR A 308 10.32 -26.69 -5.85
CA TYR A 308 9.07 -27.12 -5.26
C TYR A 308 9.28 -27.56 -3.81
N PRO A 309 8.34 -27.30 -2.90
CA PRO A 309 7.01 -26.72 -3.12
C PRO A 309 7.05 -25.23 -3.44
N LEU A 310 6.07 -24.74 -4.18
CA LEU A 310 6.01 -23.33 -4.53
C LEU A 310 5.63 -22.50 -3.32
N LYS A 311 6.08 -21.25 -3.31
CA LYS A 311 5.67 -20.30 -2.30
C LYS A 311 4.30 -19.72 -2.65
N ALA A 312 3.64 -19.17 -1.63
CA ALA A 312 2.29 -18.64 -1.81
C ALA A 312 2.25 -17.59 -2.91
N HIS A 313 3.21 -16.66 -2.90
CA HIS A 313 3.18 -15.57 -3.88
C HIS A 313 3.37 -16.09 -5.29
N GLN A 314 4.09 -17.19 -5.46
CA GLN A 314 4.22 -17.81 -6.78
C GLN A 314 2.88 -18.36 -7.26
N LYS A 315 2.08 -18.92 -6.35
CA LYS A 315 0.75 -19.39 -6.74
C LYS A 315 -0.15 -18.21 -7.10
N VAL A 316 -0.03 -17.10 -6.37
CA VAL A 316 -0.76 -15.88 -6.75
C VAL A 316 -0.40 -15.48 -8.17
N ALA A 317 0.90 -15.49 -8.49
CA ALA A 317 1.34 -15.08 -9.82
C ALA A 317 0.79 -16.02 -10.89
N ILE A 318 0.70 -17.31 -10.58
CA ILE A 318 0.14 -18.27 -11.53
C ILE A 318 -1.32 -17.94 -11.80
N MET A 319 -2.09 -17.66 -10.74
CA MET A 319 -3.49 -17.35 -10.91
C MET A 319 -3.68 -16.08 -11.73
N ARG A 320 -2.89 -15.05 -11.46
CA ARG A 320 -2.98 -13.82 -12.25
C ARG A 320 -2.74 -14.12 -13.73
N ASN A 321 -1.73 -14.93 -14.05
CA ASN A 321 -1.40 -15.18 -15.44
C ASN A 321 -2.47 -16.01 -16.13
N ILE A 322 -3.08 -16.93 -15.42
CA ILE A 322 -4.14 -17.73 -16.02
C ILE A 322 -5.28 -16.80 -16.40
N GLU A 323 -5.62 -15.87 -15.52
CA GLU A 323 -6.68 -14.93 -15.79
C GLU A 323 -6.34 -14.03 -16.98
N LYS A 324 -5.10 -13.57 -17.03
CA LYS A 324 -4.67 -12.71 -18.12
C LYS A 324 -4.70 -13.42 -19.47
N MET A 325 -4.21 -14.65 -19.50
CA MET A 325 -4.18 -15.42 -20.73
C MET A 325 -5.57 -15.72 -21.24
N LEU A 326 -6.48 -16.07 -20.35
N LEU A 326 -6.46 -16.06 -20.34
CA LEU A 326 -7.83 -16.37 -20.74
CA LEU A 326 -7.82 -16.40 -20.77
C LEU A 326 -8.51 -15.17 -21.36
C LEU A 326 -8.55 -15.19 -21.34
N GLY A 327 -8.33 -14.01 -20.75
CA GLY A 327 -8.92 -12.81 -21.31
C GLY A 327 -8.46 -12.55 -22.73
N GLU A 328 -7.16 -12.77 -22.99
CA GLU A 328 -6.63 -12.56 -24.34
C GLU A 328 -7.13 -13.63 -25.31
N ALA A 329 -7.16 -14.89 -24.87
CA ALA A 329 -7.54 -15.97 -25.78
C ALA A 329 -9.02 -15.93 -26.10
N LEU A 330 -9.86 -15.55 -25.14
CA LEU A 330 -11.30 -15.46 -25.38
C LEU A 330 -11.67 -14.19 -26.13
N GLY A 331 -10.77 -13.21 -26.19
CA GLY A 331 -11.06 -11.96 -26.86
C GLY A 331 -11.93 -11.01 -26.07
N ASN A 332 -12.33 -11.36 -24.85
CA ASN A 332 -13.16 -10.51 -24.03
C ASN A 332 -13.01 -10.89 -22.55
N PRO A 333 -12.65 -9.95 -21.68
CA PRO A 333 -12.53 -10.31 -20.26
C PRO A 333 -13.81 -10.82 -19.64
N GLN A 334 -14.97 -10.39 -20.15
CA GLN A 334 -16.24 -10.76 -19.52
C GLN A 334 -16.49 -12.26 -19.58
N GLU A 335 -15.90 -12.96 -20.55
CA GLU A 335 -16.11 -14.40 -20.69
C GLU A 335 -15.20 -15.23 -19.79
N VAL A 336 -14.29 -14.60 -19.05
CA VAL A 336 -13.35 -15.35 -18.23
C VAL A 336 -14.10 -16.14 -17.16
N GLY A 337 -15.01 -15.48 -16.45
CA GLY A 337 -15.73 -16.10 -15.37
C GLY A 337 -16.51 -17.32 -15.82
N PRO A 338 -17.39 -17.13 -16.81
CA PRO A 338 -18.17 -18.27 -17.32
C PRO A 338 -17.33 -19.48 -17.71
N LEU A 339 -16.18 -19.26 -18.37
CA LEU A 339 -15.36 -20.39 -18.77
C LEU A 339 -14.73 -21.07 -17.55
N LEU A 340 -14.23 -20.29 -16.60
CA LEU A 340 -13.66 -20.89 -15.39
C LEU A 340 -14.71 -21.70 -14.65
N ASN A 341 -15.93 -21.17 -14.53
CA ASN A 341 -16.99 -21.90 -13.85
C ASN A 341 -17.29 -23.22 -14.56
N THR A 342 -17.45 -23.16 -15.89
CA THR A 342 -17.66 -24.38 -16.66
C THR A 342 -16.54 -25.38 -16.42
N MET A 343 -15.31 -24.89 -16.25
CA MET A 343 -14.17 -25.78 -16.10
C MET A 343 -14.22 -26.58 -14.80
N ILE A 344 -14.74 -26.00 -13.71
CA ILE A 344 -14.62 -26.67 -12.41
C ILE A 344 -15.93 -27.30 -11.95
N LYS A 345 -17.08 -26.77 -12.38
CA LYS A 345 -18.35 -27.23 -11.83
C LYS A 345 -18.56 -28.71 -12.13
N GLY A 346 -18.77 -29.50 -11.07
CA GLY A 346 -18.92 -30.94 -11.21
C GLY A 346 -17.67 -31.65 -11.66
N ARG A 347 -16.54 -30.95 -11.75
N ARG A 347 -16.54 -30.95 -11.76
CA ARG A 347 -15.29 -31.54 -12.17
CA ARG A 347 -15.28 -31.55 -12.18
C ARG A 347 -14.20 -31.41 -11.11
C ARG A 347 -14.19 -31.40 -11.13
N TYR A 348 -14.06 -30.22 -10.52
CA TYR A 348 -13.04 -29.98 -9.51
C TYR A 348 -13.58 -29.49 -8.18
N ASN A 349 -14.88 -29.20 -8.07
CA ASN A 349 -15.41 -28.64 -6.83
C ASN A 349 -16.24 -29.67 -6.05
N ALA B 12 5.69 -23.61 -17.40
CA ALA B 12 5.93 -23.63 -15.96
C ALA B 12 6.62 -22.27 -15.58
N ALA B 13 7.82 -21.99 -16.15
CA ALA B 13 8.49 -20.68 -15.82
C ALA B 13 7.60 -19.46 -16.29
N LEU B 14 6.93 -19.62 -17.42
CA LEU B 14 6.09 -18.56 -17.96
C LEU B 14 4.94 -18.19 -17.02
N LEU B 15 4.30 -19.20 -16.44
CA LEU B 15 3.18 -18.96 -15.53
C LEU B 15 3.52 -18.21 -14.25
N ILE B 16 4.67 -18.54 -13.66
CA ILE B 16 5.13 -17.92 -12.43
C ILE B 16 5.66 -16.49 -12.57
N ALA B 17 5.92 -16.06 -13.79
CA ALA B 17 6.45 -14.72 -14.01
C ALA B 17 5.56 -13.67 -13.37
N ALA B 18 6.16 -12.80 -12.56
CA ALA B 18 5.43 -11.76 -11.84
C ALA B 18 5.29 -10.52 -12.71
N GLY B 19 4.36 -9.66 -12.31
CA GLY B 19 4.17 -8.36 -12.93
C GLY B 19 4.83 -7.25 -12.13
N ALA B 20 4.36 -6.02 -12.36
CA ALA B 20 4.89 -4.87 -11.65
C ALA B 20 3.85 -3.80 -11.33
N ASP B 21 2.57 -4.17 -11.25
CA ASP B 21 1.50 -3.18 -11.05
C ASP B 21 1.42 -2.73 -9.59
N VAL B 22 1.25 -1.42 -9.41
CA VAL B 22 1.13 -0.80 -8.09
C VAL B 22 -0.01 0.23 -8.15
N ASN B 23 -0.43 0.68 -6.96
CA ASN B 23 -1.50 1.67 -6.86
C ASN B 23 -0.93 3.06 -7.12
N ALA B 24 -0.78 3.39 -8.41
CA ALA B 24 -0.33 4.71 -8.81
C ALA B 24 -0.89 5.01 -10.20
N HIS B 25 -1.64 6.11 -10.30
CA HIS B 25 -2.26 6.50 -11.56
C HIS B 25 -1.42 7.57 -12.26
#